data_1M4D
#
_entry.id   1M4D
#
_cell.length_a   48.700
_cell.length_b   86.600
_cell.length_c   98.400
_cell.angle_alpha   90.00
_cell.angle_beta   90.00
_cell.angle_gamma   90.00
#
_symmetry.space_group_name_H-M   'P 21 21 21'
#
loop_
_entity.id
_entity.type
_entity.pdbx_description
1 polymer "Aminoglycoside 2'-N-acetyltransferase"
2 non-polymer TOBRAMYCIN
3 non-polymer 'COENZYME A'
4 non-polymer "3'-PHOSPHATE-ADENOSINE-5'-DIPHOSPHATE"
5 water water
#
_entity_poly.entity_id   1
_entity_poly.type   'polypeptide(L)'
_entity_poly.pdbx_seq_one_letter_code
;MHTQVHTARLVHTADLDSETRQDIRQMVTGAFAGDFTETDWEHTLGGMHALIWHHGAIIAHAAVIQRRLIYRGNALRCGY
VEGVAVRADWRGQRLVSALLDAVEQVMRGAYQLGALSSSARARRLYASRGWLPWHGPTSVLAPTGPVRTPDDDGTVFVLP
IDISLDTSAELMCDWRAGDVW
;
_entity_poly.pdbx_strand_id   A,B
#
# COMPACT_ATOMS: atom_id res chain seq x y z
N MET A 1 -10.15 27.83 11.88
CA MET A 1 -10.07 26.38 12.00
C MET A 1 -10.82 25.94 13.25
N HIS A 2 -11.84 25.09 13.08
CA HIS A 2 -12.59 24.60 14.26
C HIS A 2 -11.81 23.51 14.97
N THR A 3 -12.36 23.00 16.06
CA THR A 3 -11.69 22.02 16.85
C THR A 3 -11.37 20.63 16.20
N GLN A 4 -12.03 20.31 15.07
CA GLN A 4 -11.85 19.03 14.36
C GLN A 4 -12.44 17.86 15.12
N VAL A 5 -13.41 18.10 16.03
CA VAL A 5 -13.95 17.04 16.83
C VAL A 5 -14.64 16.01 15.92
N HIS A 6 -14.25 14.75 16.12
CA HIS A 6 -14.75 13.62 15.38
C HIS A 6 -14.48 13.58 13.91
N THR A 7 -13.61 14.48 13.41
CA THR A 7 -13.18 14.33 12.02
C THR A 7 -12.13 13.22 12.04
N ALA A 8 -12.22 12.29 11.10
CA ALA A 8 -11.22 11.23 11.11
C ALA A 8 -9.85 11.75 10.69
N ARG A 9 -8.80 11.28 11.37
CA ARG A 9 -7.44 11.75 11.11
C ARG A 9 -6.69 10.59 10.40
N LEU A 10 -5.92 10.89 9.38
CA LEU A 10 -5.24 9.80 8.65
C LEU A 10 -3.84 9.64 9.14
N VAL A 11 -3.45 8.44 9.55
CA VAL A 11 -2.07 8.24 10.08
C VAL A 11 -1.51 6.95 9.46
N HIS A 12 -0.29 7.01 8.89
CA HIS A 12 0.27 5.79 8.32
C HIS A 12 0.62 4.83 9.46
N THR A 13 0.54 3.50 9.22
CA THR A 13 0.89 2.50 10.23
C THR A 13 2.27 2.85 10.89
N ALA A 14 3.24 3.26 10.11
CA ALA A 14 4.60 3.53 10.62
C ALA A 14 4.62 4.73 11.60
N ASP A 15 3.59 5.57 11.52
CA ASP A 15 3.50 6.71 12.46
C ASP A 15 2.63 6.47 13.70
N LEU A 16 2.13 5.25 13.89
CA LEU A 16 1.31 4.98 15.08
C LEU A 16 2.24 4.78 16.30
N ASP A 17 2.07 5.52 17.38
CA ASP A 17 2.94 5.17 18.50
C ASP A 17 2.37 3.90 19.04
N SER A 18 3.18 3.17 19.79
CA SER A 18 2.82 1.89 20.41
C SER A 18 1.46 1.83 21.15
N GLU A 19 1.18 2.82 21.97
CA GLU A 19 -0.08 2.83 22.72
C GLU A 19 -1.29 2.96 21.78
N THR A 20 -1.17 3.79 20.74
CA THR A 20 -2.27 3.98 19.81
C THR A 20 -2.49 2.71 19.06
N ARG A 21 -1.41 2.13 18.58
CA ARG A 21 -1.51 0.87 17.88
C ARG A 21 -2.19 -0.19 18.69
N GLN A 22 -1.86 -0.28 20.00
CA GLN A 22 -2.51 -1.33 20.85
C GLN A 22 -3.98 -1.00 21.06
N ASP A 23 -4.27 0.30 21.28
CA ASP A 23 -5.69 0.76 21.43
C ASP A 23 -6.51 0.37 20.17
N ILE A 24 -5.97 0.64 19.00
CA ILE A 24 -6.69 0.31 17.75
C ILE A 24 -6.91 -1.18 17.68
N ARG A 25 -5.86 -1.94 17.92
CA ARG A 25 -6.02 -3.41 17.83
C ARG A 25 -7.06 -4.01 18.82
N GLN A 26 -7.09 -3.53 20.06
CA GLN A 26 -8.05 -4.09 20.98
C GLN A 26 -9.45 -3.59 20.67
N MET A 27 -9.56 -2.32 20.30
CA MET A 27 -10.86 -1.80 19.94
C MET A 27 -11.48 -2.56 18.71
N VAL A 28 -10.71 -2.65 17.63
CA VAL A 28 -11.20 -3.31 16.41
C VAL A 28 -11.48 -4.80 16.71
N THR A 29 -10.60 -5.47 17.45
CA THR A 29 -10.84 -6.91 17.76
C THR A 29 -12.14 -7.09 18.56
N GLY A 30 -12.34 -6.21 19.53
CA GLY A 30 -13.54 -6.26 20.35
C GLY A 30 -14.76 -5.80 19.58
N ALA A 31 -14.60 -4.92 18.59
CA ALA A 31 -15.77 -4.48 17.83
C ALA A 31 -16.38 -5.61 16.99
N PHE A 32 -15.56 -6.59 16.63
CA PHE A 32 -15.99 -7.72 15.79
C PHE A 32 -16.48 -8.95 16.51
N ALA A 33 -16.65 -8.87 17.82
CA ALA A 33 -17.17 -10.02 18.56
C ALA A 33 -16.53 -11.36 18.15
N GLY A 34 -15.24 -11.47 18.46
CA GLY A 34 -14.47 -12.67 18.21
C GLY A 34 -14.24 -13.18 16.79
N ASP A 35 -14.60 -12.39 15.80
CA ASP A 35 -14.42 -12.83 14.44
C ASP A 35 -13.27 -12.00 13.78
N PHE A 36 -12.25 -11.62 14.57
CA PHE A 36 -11.13 -10.85 14.02
C PHE A 36 -9.84 -11.51 14.45
N THR A 37 -9.19 -12.20 13.52
CA THR A 37 -7.98 -12.98 13.83
C THR A 37 -6.70 -12.18 13.77
N GLU A 38 -5.60 -12.83 14.15
CA GLU A 38 -4.27 -12.21 14.08
C GLU A 38 -3.99 -11.88 12.62
N THR A 39 -4.43 -12.75 11.73
CA THR A 39 -4.20 -12.51 10.32
C THR A 39 -5.04 -11.33 9.83
N ASP A 40 -6.26 -11.21 10.31
CA ASP A 40 -7.06 -10.04 9.95
C ASP A 40 -6.37 -8.79 10.50
N TRP A 41 -5.71 -8.87 11.68
CA TRP A 41 -4.98 -7.67 12.16
C TRP A 41 -3.85 -7.34 11.19
N GLU A 42 -3.10 -8.39 10.77
CA GLU A 42 -2.02 -8.13 9.84
C GLU A 42 -2.52 -7.42 8.57
N HIS A 43 -3.70 -7.79 8.10
CA HIS A 43 -4.26 -7.17 6.90
C HIS A 43 -4.59 -5.71 7.08
N THR A 44 -4.63 -5.21 8.30
CA THR A 44 -4.98 -3.80 8.46
C THR A 44 -3.73 -2.93 8.46
N LEU A 45 -2.57 -3.57 8.38
CA LEU A 45 -1.31 -2.82 8.45
C LEU A 45 -0.66 -2.52 7.13
N GLY A 46 0.10 -1.40 7.10
CA GLY A 46 0.87 -1.05 5.92
C GLY A 46 0.42 0.19 5.15
N GLY A 47 -0.75 0.69 5.50
CA GLY A 47 -1.29 1.82 4.75
C GLY A 47 -1.75 2.95 5.71
N MET A 48 -2.86 3.60 5.34
CA MET A 48 -3.39 4.72 6.14
C MET A 48 -4.58 4.35 7.02
N HIS A 49 -4.43 4.62 8.31
CA HIS A 49 -5.48 4.37 9.25
C HIS A 49 -6.28 5.65 9.41
N ALA A 50 -7.61 5.57 9.24
CA ALA A 50 -8.51 6.71 9.49
C ALA A 50 -8.90 6.54 10.95
N LEU A 51 -8.61 7.53 11.79
CA LEU A 51 -8.87 7.35 13.21
C LEU A 51 -9.79 8.43 13.78
N ILE A 52 -10.71 8.06 14.63
CA ILE A 52 -11.57 9.10 15.29
C ILE A 52 -11.32 8.95 16.79
N TRP A 53 -10.90 10.07 17.36
CA TRP A 53 -10.57 10.16 18.77
C TRP A 53 -11.66 10.75 19.66
N HIS A 54 -11.78 10.27 20.89
CA HIS A 54 -12.68 10.90 21.83
C HIS A 54 -12.01 10.66 23.23
N HIS A 55 -11.74 11.74 23.94
CA HIS A 55 -11.10 11.63 25.27
C HIS A 55 -9.80 10.77 25.23
N GLY A 56 -9.00 10.93 24.17
CA GLY A 56 -7.74 10.24 24.09
C GLY A 56 -7.86 8.76 23.72
N ALA A 57 -9.07 8.27 23.41
CA ALA A 57 -9.25 6.84 23.02
C ALA A 57 -9.74 6.77 21.56
N ILE A 58 -9.42 5.68 20.87
CA ILE A 58 -9.87 5.50 19.50
C ILE A 58 -11.30 4.94 19.56
N ILE A 59 -12.28 5.70 19.11
CA ILE A 59 -13.66 5.22 19.08
C ILE A 59 -14.16 4.73 17.69
N ALA A 60 -13.34 4.92 16.64
CA ALA A 60 -13.67 4.42 15.29
C ALA A 60 -12.36 4.30 14.54
N HIS A 61 -12.31 3.33 13.62
CA HIS A 61 -11.13 3.10 12.84
C HIS A 61 -11.50 2.48 11.46
N ALA A 62 -10.73 2.83 10.42
CA ALA A 62 -10.79 2.11 9.14
C ALA A 62 -9.42 2.22 8.54
N ALA A 63 -8.85 1.16 8.00
CA ALA A 63 -7.54 1.31 7.37
C ALA A 63 -7.69 1.12 5.83
N VAL A 64 -6.88 1.84 5.07
CA VAL A 64 -6.86 1.66 3.58
C VAL A 64 -5.49 1.15 3.28
N ILE A 65 -5.39 -0.09 2.77
CA ILE A 65 -4.05 -0.63 2.50
C ILE A 65 -3.96 -0.79 0.98
N GLN A 66 -2.74 -0.78 0.47
CA GLN A 66 -2.64 -0.88 -0.97
C GLN A 66 -2.43 -2.36 -1.44
N ARG A 67 -3.18 -2.73 -2.49
CA ARG A 67 -2.95 -4.03 -3.13
C ARG A 67 -3.36 -3.91 -4.61
N ARG A 68 -3.32 -5.04 -5.35
CA ARG A 68 -3.74 -5.04 -6.75
C ARG A 68 -4.96 -5.93 -6.89
N LEU A 69 -5.96 -5.53 -7.70
CA LEU A 69 -7.08 -6.43 -8.00
C LEU A 69 -6.95 -6.54 -9.55
N ILE A 70 -6.96 -7.77 -10.04
CA ILE A 70 -6.86 -8.03 -11.47
C ILE A 70 -8.20 -8.10 -12.17
N TYR A 71 -8.38 -7.21 -13.13
CA TYR A 71 -9.65 -7.06 -13.87
C TYR A 71 -9.26 -7.11 -15.36
N ARG A 72 -9.80 -8.04 -16.12
CA ARG A 72 -9.46 -8.12 -17.56
C ARG A 72 -7.97 -8.06 -17.82
N GLY A 73 -7.23 -8.80 -17.03
CA GLY A 73 -5.80 -8.86 -17.19
C GLY A 73 -5.04 -7.61 -16.78
N ASN A 74 -5.70 -6.62 -16.17
CA ASN A 74 -5.01 -5.37 -15.75
C ASN A 74 -4.92 -5.41 -14.20
N ALA A 75 -3.76 -5.12 -13.62
CA ALA A 75 -3.58 -5.12 -12.18
C ALA A 75 -3.90 -3.70 -11.70
N LEU A 76 -5.14 -3.47 -11.28
CA LEU A 76 -5.58 -2.15 -10.85
C LEU A 76 -5.02 -1.78 -9.51
N ARG A 77 -4.63 -0.51 -9.34
CA ARG A 77 -4.02 -0.04 -8.08
C ARG A 77 -5.19 0.21 -7.10
N CYS A 78 -5.32 -0.66 -6.09
CA CYS A 78 -6.47 -0.63 -5.20
C CYS A 78 -6.21 -0.23 -3.78
N GLY A 79 -7.05 0.69 -3.26
CA GLY A 79 -7.07 1.03 -1.85
C GLY A 79 -8.09 0.03 -1.25
N TYR A 80 -7.66 -0.90 -0.40
CA TYR A 80 -8.54 -1.94 0.13
C TYR A 80 -8.86 -1.57 1.57
N VAL A 81 -10.11 -1.60 1.91
CA VAL A 81 -10.55 -1.15 3.27
C VAL A 81 -10.64 -2.28 4.29
N GLU A 82 -9.84 -2.18 5.36
CA GLU A 82 -9.82 -3.24 6.38
C GLU A 82 -10.13 -2.70 7.77
N GLY A 83 -10.62 -3.58 8.64
CA GLY A 83 -10.82 -3.22 10.05
C GLY A 83 -11.78 -2.06 10.32
N VAL A 84 -12.86 -1.97 9.57
CA VAL A 84 -13.81 -0.92 9.80
C VAL A 84 -14.59 -1.20 11.08
N ALA A 85 -14.50 -0.30 12.07
CA ALA A 85 -15.16 -0.55 13.35
C ALA A 85 -15.44 0.73 14.08
N VAL A 86 -16.63 0.77 14.68
CA VAL A 86 -16.96 1.92 15.54
C VAL A 86 -17.14 1.25 16.92
N ARG A 87 -16.53 1.80 17.98
CA ARG A 87 -16.64 1.14 19.33
C ARG A 87 -18.12 1.08 19.68
N ALA A 88 -18.54 0.01 20.35
CA ALA A 88 -19.96 -0.20 20.52
C ALA A 88 -20.77 0.84 21.23
N ASP A 89 -20.16 1.57 22.18
CA ASP A 89 -20.86 2.60 22.92
C ASP A 89 -21.08 3.86 22.10
N TRP A 90 -20.42 3.94 20.92
CA TRP A 90 -20.51 5.09 20.01
C TRP A 90 -21.26 4.77 18.69
N ARG A 91 -21.85 3.60 18.58
CA ARG A 91 -22.57 3.23 17.37
C ARG A 91 -23.91 3.92 17.24
N GLY A 92 -24.39 4.03 16.02
CA GLY A 92 -25.69 4.62 15.82
C GLY A 92 -25.67 6.09 15.66
N GLN A 93 -24.48 6.67 15.60
CA GLN A 93 -24.32 8.12 15.47
C GLN A 93 -23.68 8.55 14.13
N ARG A 94 -23.56 7.62 13.17
CA ARG A 94 -23.00 7.91 11.85
C ARG A 94 -21.51 8.20 11.83
N LEU A 95 -20.81 7.80 12.88
CA LEU A 95 -19.36 7.99 12.87
C LEU A 95 -18.77 7.19 11.69
N VAL A 96 -19.35 6.04 11.29
CA VAL A 96 -18.75 5.31 10.13
C VAL A 96 -18.75 6.22 8.90
N SER A 97 -19.70 7.17 8.82
CA SER A 97 -19.75 8.08 7.68
C SER A 97 -18.52 8.98 7.70
N ALA A 98 -18.12 9.44 8.91
CA ALA A 98 -16.91 10.23 9.07
C ALA A 98 -15.67 9.41 8.68
N LEU A 99 -15.63 8.14 9.06
CA LEU A 99 -14.52 7.29 8.61
C LEU A 99 -14.49 7.21 7.09
N LEU A 100 -15.67 7.04 6.48
CA LEU A 100 -15.71 6.85 5.03
C LEU A 100 -15.39 8.09 4.29
N ASP A 101 -15.70 9.27 4.85
CA ASP A 101 -15.26 10.50 4.21
C ASP A 101 -13.72 10.43 4.01
N ALA A 102 -13.03 10.02 5.05
CA ALA A 102 -11.55 9.98 4.99
C ALA A 102 -11.06 8.88 4.06
N VAL A 103 -11.62 7.69 4.22
CA VAL A 103 -11.26 6.56 3.32
C VAL A 103 -11.49 6.95 1.83
N GLU A 104 -12.65 7.51 1.51
CA GLU A 104 -12.95 7.84 0.10
C GLU A 104 -12.01 8.94 -0.42
N GLN A 105 -11.64 9.83 0.46
CA GLN A 105 -10.68 10.88 0.07
C GLN A 105 -9.33 10.25 -0.30
N VAL A 106 -8.93 9.23 0.47
CA VAL A 106 -7.64 8.55 0.17
C VAL A 106 -7.79 7.85 -1.20
N MET A 107 -8.95 7.23 -1.46
CA MET A 107 -9.17 6.56 -2.76
C MET A 107 -9.04 7.58 -3.89
N ARG A 108 -9.79 8.68 -3.77
CA ARG A 108 -9.71 9.66 -4.89
C ARG A 108 -8.29 10.23 -5.08
N GLY A 109 -7.54 10.35 -4.00
CA GLY A 109 -6.22 10.97 -4.13
C GLY A 109 -5.08 10.02 -4.49
N ALA A 110 -5.29 8.70 -4.37
CA ALA A 110 -4.16 7.80 -4.58
C ALA A 110 -4.36 6.51 -5.35
N TYR A 111 -5.63 6.13 -5.62
CA TYR A 111 -5.87 4.82 -6.23
C TYR A 111 -6.79 4.85 -7.42
N GLN A 112 -6.80 3.74 -8.18
CA GLN A 112 -7.74 3.65 -9.31
C GLN A 112 -9.11 3.24 -8.83
N LEU A 113 -9.16 2.52 -7.72
CA LEU A 113 -10.45 2.12 -7.13
C LEU A 113 -10.30 1.76 -5.68
N GLY A 114 -11.36 1.99 -4.91
CA GLY A 114 -11.36 1.48 -3.54
C GLY A 114 -12.11 0.16 -3.65
N ALA A 115 -11.94 -0.77 -2.68
CA ALA A 115 -12.69 -2.03 -2.60
C ALA A 115 -12.67 -2.51 -1.16
N LEU A 116 -13.58 -3.42 -0.85
CA LEU A 116 -13.74 -3.97 0.47
C LEU A 116 -14.71 -5.13 0.37
N SER A 117 -14.69 -5.95 1.40
CA SER A 117 -15.61 -7.11 1.42
C SER A 117 -16.49 -6.80 2.62
N SER A 118 -17.74 -6.50 2.36
CA SER A 118 -18.72 -6.10 3.36
C SER A 118 -19.54 -7.19 4.07
N SER A 119 -19.88 -6.90 5.33
CA SER A 119 -20.71 -7.73 6.19
C SER A 119 -22.11 -7.56 5.64
N ALA A 120 -23.01 -8.50 5.92
CA ALA A 120 -24.34 -8.34 5.39
C ALA A 120 -24.97 -7.07 5.98
N ARG A 121 -24.57 -6.78 7.22
CA ARG A 121 -25.12 -5.64 7.96
C ARG A 121 -24.77 -4.35 7.26
N ALA A 122 -23.49 -4.19 6.92
CA ALA A 122 -22.99 -2.97 6.29
C ALA A 122 -23.22 -2.72 4.81
N ARG A 123 -23.71 -3.69 4.05
CA ARG A 123 -23.96 -3.46 2.61
C ARG A 123 -24.73 -2.20 2.26
N ARG A 124 -25.85 -1.92 2.94
CA ARG A 124 -26.61 -0.75 2.56
C ARG A 124 -25.86 0.54 2.79
N LEU A 125 -25.06 0.58 3.85
CA LEU A 125 -24.30 1.77 4.15
C LEU A 125 -23.42 2.02 2.92
N TYR A 126 -22.62 1.05 2.51
CA TYR A 126 -21.78 1.34 1.34
C TYR A 126 -22.53 1.70 0.05
N ALA A 127 -23.60 0.96 -0.24
CA ALA A 127 -24.34 1.21 -1.47
C ALA A 127 -24.88 2.66 -1.46
N SER A 128 -25.31 3.15 -0.29
CA SER A 128 -25.84 4.54 -0.17
C SER A 128 -24.86 5.62 -0.57
N ARG A 129 -23.54 5.37 -0.36
CA ARG A 129 -22.51 6.32 -0.65
C ARG A 129 -21.96 6.17 -2.04
N GLY A 130 -22.58 5.31 -2.82
CA GLY A 130 -22.11 5.17 -4.18
C GLY A 130 -21.12 4.02 -4.47
N TRP A 131 -20.81 3.20 -3.49
CA TRP A 131 -19.92 2.05 -3.74
C TRP A 131 -20.80 1.10 -4.55
N LEU A 132 -20.21 0.41 -5.51
CA LEU A 132 -20.99 -0.50 -6.35
C LEU A 132 -20.77 -1.94 -5.90
N PRO A 133 -21.84 -2.73 -5.87
CA PRO A 133 -21.64 -4.12 -5.45
C PRO A 133 -21.03 -4.87 -6.61
N TRP A 134 -20.07 -5.74 -6.33
CA TRP A 134 -19.45 -6.52 -7.40
C TRP A 134 -20.33 -7.75 -7.62
N HIS A 135 -20.93 -7.84 -8.81
CA HIS A 135 -21.83 -8.96 -9.12
C HIS A 135 -21.11 -10.16 -9.75
N GLY A 136 -19.97 -9.90 -10.42
CA GLY A 136 -19.20 -10.99 -11.06
C GLY A 136 -18.57 -11.97 -10.05
N PRO A 137 -18.05 -13.12 -10.56
CA PRO A 137 -17.44 -14.12 -9.70
C PRO A 137 -16.09 -13.58 -9.20
N THR A 138 -15.75 -13.89 -7.94
CA THR A 138 -14.49 -13.43 -7.37
C THR A 138 -13.52 -14.60 -7.34
N SER A 139 -12.24 -14.30 -7.38
CA SER A 139 -11.24 -15.35 -7.32
C SER A 139 -9.98 -14.67 -6.69
N VAL A 140 -8.93 -15.45 -6.46
CA VAL A 140 -7.64 -14.93 -5.97
C VAL A 140 -6.52 -15.53 -6.84
N LEU A 141 -5.49 -14.74 -7.06
CA LEU A 141 -4.34 -15.20 -7.81
C LEU A 141 -3.39 -15.87 -6.77
N ALA A 142 -3.66 -17.14 -6.45
CA ALA A 142 -2.86 -17.85 -5.45
C ALA A 142 -1.57 -18.31 -6.11
N PRO A 143 -0.61 -18.78 -5.31
CA PRO A 143 0.68 -19.21 -5.83
C PRO A 143 0.57 -20.34 -6.87
N THR A 144 -0.50 -21.13 -6.84
CA THR A 144 -0.66 -22.16 -7.85
C THR A 144 -1.44 -21.65 -9.08
N GLY A 145 -1.87 -20.39 -9.03
CA GLY A 145 -2.62 -19.85 -10.14
C GLY A 145 -3.98 -19.38 -9.71
N PRO A 146 -4.80 -18.85 -10.63
CA PRO A 146 -6.12 -18.38 -10.23
C PRO A 146 -6.98 -19.44 -9.57
N VAL A 147 -7.72 -19.07 -8.53
CA VAL A 147 -8.63 -19.98 -7.88
C VAL A 147 -9.88 -19.18 -7.40
N ARG A 148 -11.07 -19.68 -7.73
CA ARG A 148 -12.32 -19.04 -7.33
C ARG A 148 -12.46 -18.98 -5.81
N THR A 149 -13.13 -17.93 -5.34
CA THR A 149 -13.39 -17.70 -3.93
C THR A 149 -14.89 -17.52 -3.82
N PRO A 150 -15.65 -18.58 -4.07
CA PRO A 150 -17.12 -18.45 -4.01
C PRO A 150 -17.71 -17.93 -2.67
N ASP A 151 -17.03 -18.21 -1.57
CA ASP A 151 -17.54 -17.78 -0.29
C ASP A 151 -17.54 -16.24 -0.24
N ASP A 152 -16.75 -15.62 -1.09
CA ASP A 152 -16.66 -14.16 -1.09
C ASP A 152 -17.55 -13.51 -2.14
N ASP A 153 -18.27 -14.33 -2.94
CA ASP A 153 -19.18 -13.75 -3.95
C ASP A 153 -20.32 -13.02 -3.25
N GLY A 154 -20.77 -11.94 -3.87
CA GLY A 154 -21.84 -11.10 -3.31
C GLY A 154 -21.43 -10.32 -2.05
N THR A 155 -20.14 -10.24 -1.72
CA THR A 155 -19.76 -9.45 -0.53
C THR A 155 -18.87 -8.26 -0.92
N VAL A 156 -18.30 -8.28 -2.12
CA VAL A 156 -17.36 -7.21 -2.49
C VAL A 156 -17.99 -5.92 -3.03
N PHE A 157 -17.46 -4.77 -2.63
CA PHE A 157 -17.97 -3.49 -3.14
C PHE A 157 -16.78 -2.75 -3.68
N VAL A 158 -16.99 -1.92 -4.70
CA VAL A 158 -15.87 -1.13 -5.27
C VAL A 158 -16.25 0.33 -5.42
N LEU A 159 -15.25 1.19 -5.48
CA LEU A 159 -15.47 2.64 -5.64
C LEU A 159 -14.47 3.02 -6.74
N PRO A 160 -14.92 2.98 -8.01
CA PRO A 160 -14.03 3.31 -9.15
C PRO A 160 -13.69 4.80 -9.16
N ILE A 161 -12.43 5.15 -9.38
CA ILE A 161 -12.02 6.55 -9.38
C ILE A 161 -11.73 6.90 -10.81
N ASP A 162 -12.68 7.52 -11.48
CA ASP A 162 -12.44 7.80 -12.92
C ASP A 162 -11.96 6.62 -13.83
N ILE A 163 -12.51 5.42 -13.62
CA ILE A 163 -12.20 4.29 -14.53
C ILE A 163 -13.53 3.63 -14.60
N SER A 164 -13.79 2.95 -15.69
CA SER A 164 -15.08 2.30 -15.84
C SER A 164 -14.86 0.83 -15.71
N LEU A 165 -15.55 0.22 -14.75
CA LEU A 165 -15.48 -1.22 -14.51
C LEU A 165 -16.82 -1.90 -14.79
N ASP A 166 -16.76 -2.99 -15.53
CA ASP A 166 -17.95 -3.78 -15.80
C ASP A 166 -18.03 -4.66 -14.52
N THR A 167 -18.93 -4.30 -13.60
CA THR A 167 -19.04 -5.02 -12.33
C THR A 167 -19.67 -6.42 -12.40
N SER A 168 -19.94 -6.92 -13.62
CA SER A 168 -20.41 -8.32 -13.85
C SER A 168 -19.22 -9.21 -14.25
N ALA A 169 -18.05 -8.63 -14.46
CA ALA A 169 -16.89 -9.43 -14.86
C ALA A 169 -16.21 -10.13 -13.68
N GLU A 170 -15.28 -11.03 -14.00
CA GLU A 170 -14.48 -11.67 -12.99
C GLU A 170 -13.59 -10.58 -12.34
N LEU A 171 -13.35 -10.70 -11.03
CA LEU A 171 -12.45 -9.77 -10.28
C LEU A 171 -11.53 -10.72 -9.46
N MET A 172 -10.23 -10.57 -9.62
CA MET A 172 -9.28 -11.50 -8.96
C MET A 172 -8.28 -10.74 -8.05
N CYS A 173 -8.38 -10.92 -6.75
CA CYS A 173 -7.48 -10.21 -5.83
C CYS A 173 -6.12 -10.91 -5.77
N ASP A 174 -5.13 -10.18 -5.29
CA ASP A 174 -3.81 -10.74 -5.17
C ASP A 174 -3.74 -11.57 -3.88
N TRP A 175 -2.69 -12.35 -3.72
CA TRP A 175 -2.59 -13.27 -2.63
C TRP A 175 -2.09 -12.75 -1.30
N ARG A 176 -2.59 -13.35 -0.25
CA ARG A 176 -2.10 -13.08 1.13
C ARG A 176 -2.61 -14.20 2.00
N ALA A 177 -2.04 -14.34 3.19
CA ALA A 177 -2.51 -15.38 4.15
C ALA A 177 -3.89 -15.06 4.68
N GLY A 178 -4.58 -16.02 5.29
CA GLY A 178 -5.91 -15.77 5.84
C GLY A 178 -6.98 -15.50 4.75
N ASP A 179 -7.94 -14.66 5.06
CA ASP A 179 -9.01 -14.31 4.13
C ASP A 179 -8.36 -13.43 3.07
N VAL A 180 -8.48 -13.84 1.82
CA VAL A 180 -7.85 -13.08 0.75
C VAL A 180 -8.69 -11.83 0.45
N TRP A 181 -10.02 -11.91 0.66
CA TRP A 181 -10.88 -10.73 0.51
C TRP A 181 -11.18 -10.23 1.95
N HIS B 6 19.83 18.59 5.17
CA HIS B 6 18.42 18.42 4.72
C HIS B 6 17.76 17.21 5.44
N THR B 7 16.45 17.24 5.53
CA THR B 7 15.73 16.18 6.18
C THR B 7 14.53 15.97 5.28
N ALA B 8 14.19 14.71 5.00
CA ALA B 8 13.00 14.47 4.18
C ALA B 8 11.68 14.55 4.97
N ARG B 9 10.58 14.91 4.31
CA ARG B 9 9.25 14.97 4.91
C ARG B 9 8.50 13.82 4.22
N LEU B 10 7.65 13.12 4.96
CA LEU B 10 6.89 12.02 4.37
C LEU B 10 5.47 12.48 4.11
N VAL B 11 4.99 12.27 2.92
CA VAL B 11 3.64 12.62 2.54
C VAL B 11 3.02 11.47 1.72
N HIS B 12 1.83 11.04 2.13
CA HIS B 12 1.11 9.99 1.38
C HIS B 12 0.66 10.54 0.04
N THR B 13 0.57 9.67 -0.95
CA THR B 13 0.15 10.10 -2.25
C THR B 13 -1.16 10.93 -2.20
N ALA B 14 -2.12 10.47 -1.43
CA ALA B 14 -3.45 11.13 -1.35
C ALA B 14 -3.36 12.52 -0.76
N ASP B 15 -2.29 12.80 -0.02
CA ASP B 15 -2.10 14.14 0.54
C ASP B 15 -1.33 15.12 -0.33
N LEU B 16 -0.90 14.70 -1.51
CA LEU B 16 -0.20 15.60 -2.42
C LEU B 16 -1.17 16.53 -3.19
N ASP B 17 -1.00 17.84 -3.12
CA ASP B 17 -1.88 18.70 -3.92
C ASP B 17 -1.45 18.40 -5.36
N SER B 18 -2.23 18.83 -6.34
CA SER B 18 -1.96 18.55 -7.75
C SER B 18 -0.72 19.22 -8.32
N GLU B 19 -0.34 20.35 -7.75
CA GLU B 19 0.85 21.06 -8.18
C GLU B 19 2.06 20.25 -7.68
N THR B 20 1.98 19.81 -6.44
CA THR B 20 3.09 19.06 -5.89
C THR B 20 3.25 17.75 -6.60
N ARG B 21 2.15 17.07 -6.88
CA ARG B 21 2.23 15.77 -7.56
C ARG B 21 2.92 15.94 -8.90
N GLN B 22 2.61 17.05 -9.61
CA GLN B 22 3.22 17.27 -10.90
C GLN B 22 4.73 17.58 -10.80
N ASP B 23 5.09 18.40 -9.83
CA ASP B 23 6.47 18.78 -9.58
C ASP B 23 7.30 17.48 -9.34
N ILE B 24 6.72 16.54 -8.59
CA ILE B 24 7.43 15.27 -8.33
C ILE B 24 7.60 14.50 -9.62
N ARG B 25 6.52 14.33 -10.40
CA ARG B 25 6.63 13.53 -11.59
C ARG B 25 7.64 14.17 -12.52
N GLN B 26 7.60 15.49 -12.66
CA GLN B 26 8.58 16.09 -13.58
C GLN B 26 10.00 15.99 -13.07
N MET B 27 10.21 16.17 -11.79
CA MET B 27 11.63 16.08 -11.29
C MET B 27 12.12 14.63 -11.46
N VAL B 28 11.31 13.65 -11.07
CA VAL B 28 11.77 12.25 -11.19
C VAL B 28 12.02 11.90 -12.66
N THR B 29 11.07 12.24 -13.57
CA THR B 29 11.31 11.97 -14.98
C THR B 29 12.59 12.60 -15.52
N GLY B 30 12.85 13.88 -15.22
CA GLY B 30 14.09 14.50 -15.68
C GLY B 30 15.34 13.84 -15.08
N ALA B 31 15.27 13.46 -13.80
CA ALA B 31 16.41 12.81 -13.14
C ALA B 31 16.78 11.51 -13.82
N PHE B 32 15.82 10.78 -14.36
CA PHE B 32 16.11 9.53 -15.06
C PHE B 32 16.43 9.78 -16.51
N ALA B 33 16.52 11.04 -16.93
CA ALA B 33 16.87 11.35 -18.31
C ALA B 33 15.93 10.72 -19.33
N GLY B 34 14.66 10.65 -18.98
CA GLY B 34 13.68 10.06 -19.88
C GLY B 34 13.43 8.58 -19.70
N ASP B 35 14.34 7.88 -19.00
CA ASP B 35 14.21 6.44 -18.77
C ASP B 35 13.19 6.17 -17.66
N PHE B 36 12.05 6.81 -17.70
CA PHE B 36 11.06 6.64 -16.62
C PHE B 36 9.74 6.70 -17.37
N THR B 37 9.02 5.58 -17.49
CA THR B 37 7.80 5.51 -18.26
C THR B 37 6.54 5.85 -17.48
N GLU B 38 5.42 5.84 -18.18
CA GLU B 38 4.10 6.09 -17.60
C GLU B 38 3.87 5.03 -16.49
N THR B 39 4.23 3.74 -16.73
CA THR B 39 4.01 2.71 -15.72
C THR B 39 5.02 2.84 -14.61
N ASP B 40 6.26 3.30 -14.89
CA ASP B 40 7.17 3.53 -13.76
C ASP B 40 6.54 4.58 -12.86
N TRP B 41 5.90 5.61 -13.44
CA TRP B 41 5.31 6.61 -12.55
C TRP B 41 4.13 5.99 -11.76
N GLU B 42 3.29 5.20 -12.42
CA GLU B 42 2.16 4.57 -11.74
C GLU B 42 2.68 3.72 -10.54
N HIS B 43 3.83 3.08 -10.70
CA HIS B 43 4.38 2.26 -9.62
C HIS B 43 4.86 3.13 -8.45
N THR B 44 5.00 4.44 -8.61
CA THR B 44 5.46 5.23 -7.48
C THR B 44 4.29 5.74 -6.65
N LEU B 45 3.06 5.45 -7.10
CA LEU B 45 1.85 5.96 -6.43
C LEU B 45 1.22 5.01 -5.48
N GLY B 46 0.64 5.56 -4.40
CA GLY B 46 -0.11 4.69 -3.52
C GLY B 46 0.39 4.58 -2.07
N GLY B 47 1.62 5.06 -1.84
CA GLY B 47 2.26 4.92 -0.53
C GLY B 47 2.82 6.22 -0.07
N MET B 48 3.93 6.15 0.67
CA MET B 48 4.52 7.33 1.28
C MET B 48 5.64 7.89 0.45
N HIS B 49 5.56 9.19 0.16
CA HIS B 49 6.64 9.86 -0.57
C HIS B 49 7.57 10.64 0.41
N ALA B 50 8.89 10.34 0.34
CA ALA B 50 9.88 11.09 1.15
C ALA B 50 10.28 12.23 0.20
N LEU B 51 10.17 13.48 0.66
CA LEU B 51 10.45 14.59 -0.21
C LEU B 51 11.39 15.57 0.48
N ILE B 52 12.29 16.13 -0.31
CA ILE B 52 13.18 17.16 0.18
C ILE B 52 13.01 18.33 -0.74
N TRP B 53 12.74 19.47 -0.10
CA TRP B 53 12.55 20.73 -0.77
C TRP B 53 13.68 21.69 -0.44
N HIS B 54 13.90 22.60 -1.36
CA HIS B 54 14.83 23.70 -1.15
C HIS B 54 14.16 24.90 -1.83
N HIS B 55 13.76 25.85 -1.00
CA HIS B 55 13.08 27.07 -1.47
C HIS B 55 11.83 26.82 -2.33
N GLY B 56 10.94 25.92 -1.93
CA GLY B 56 9.75 25.68 -2.73
C GLY B 56 9.87 24.78 -3.96
N ALA B 57 11.07 24.23 -4.16
CA ALA B 57 11.27 23.34 -5.31
C ALA B 57 11.60 21.95 -4.77
N ILE B 58 11.06 20.89 -5.38
CA ILE B 58 11.40 19.55 -4.95
C ILE B 58 12.78 19.15 -5.48
N ILE B 59 13.74 18.86 -4.60
CA ILE B 59 15.04 18.48 -5.10
C ILE B 59 15.38 17.02 -4.90
N ALA B 60 14.53 16.29 -4.18
CA ALA B 60 14.80 14.88 -3.96
C ALA B 60 13.49 14.13 -3.62
N HIS B 61 13.38 12.91 -4.11
CA HIS B 61 12.17 12.12 -3.90
C HIS B 61 12.46 10.59 -3.85
N ALA B 62 11.72 9.87 -3.01
CA ALA B 62 11.74 8.40 -3.07
C ALA B 62 10.35 7.99 -2.55
N ALA B 63 9.75 6.97 -3.10
CA ALA B 63 8.44 6.54 -2.61
C ALA B 63 8.54 5.09 -2.08
N VAL B 64 7.76 4.78 -1.06
CA VAL B 64 7.71 3.39 -0.55
C VAL B 64 6.24 2.96 -0.69
N ILE B 65 6.01 1.93 -1.51
CA ILE B 65 4.64 1.47 -1.71
C ILE B 65 4.47 0.07 -1.11
N GLN B 66 3.23 -0.30 -0.83
CA GLN B 66 3.04 -1.60 -0.19
C GLN B 66 2.75 -2.67 -1.22
N ARG B 67 3.36 -3.86 -1.08
CA ARG B 67 3.01 -4.99 -1.96
C ARG B 67 3.38 -6.25 -1.18
N ARG B 68 3.21 -7.42 -1.81
CA ARG B 68 3.56 -8.69 -1.18
C ARG B 68 4.72 -9.34 -1.95
N LEU B 69 5.70 -9.87 -1.20
CA LEU B 69 6.76 -10.68 -1.87
C LEU B 69 6.65 -12.09 -1.26
N ILE B 70 6.57 -13.12 -2.10
CA ILE B 70 6.39 -14.49 -1.54
C ILE B 70 7.76 -15.11 -1.38
N TYR B 71 7.99 -15.53 -0.16
CA TYR B 71 9.27 -16.12 0.26
C TYR B 71 8.92 -17.38 1.05
N ARG B 72 9.43 -18.54 0.64
CA ARG B 72 9.11 -19.81 1.37
C ARG B 72 7.63 -19.96 1.65
N GLY B 73 6.81 -19.67 0.64
CA GLY B 73 5.37 -19.84 0.76
C GLY B 73 4.64 -18.76 1.55
N ASN B 74 5.35 -17.79 2.11
CA ASN B 74 4.59 -16.76 2.89
C ASN B 74 4.60 -15.48 2.08
N ALA B 75 3.49 -14.75 2.09
CA ALA B 75 3.37 -13.52 1.33
C ALA B 75 3.74 -12.40 2.31
N LEU B 76 5.03 -12.03 2.30
CA LEU B 76 5.53 -11.01 3.22
C LEU B 76 5.04 -9.57 2.87
N ARG B 77 4.70 -8.82 3.94
CA ARG B 77 4.20 -7.47 3.79
C ARG B 77 5.43 -6.61 3.50
N CYS B 78 5.54 -6.15 2.24
CA CYS B 78 6.73 -5.45 1.78
C CYS B 78 6.62 -3.96 1.47
N GLY B 79 7.59 -3.15 1.93
CA GLY B 79 7.66 -1.71 1.60
C GLY B 79 8.60 -1.70 0.36
N TYR B 80 8.09 -1.41 -0.83
CA TYR B 80 8.87 -1.49 -2.08
C TYR B 80 9.28 -0.06 -2.48
N VAL B 81 10.55 0.15 -2.77
CA VAL B 81 11.01 1.53 -3.00
C VAL B 81 10.96 1.90 -4.48
N GLU B 82 10.33 3.02 -4.84
CA GLU B 82 10.21 3.42 -6.25
C GLU B 82 10.61 4.89 -6.47
N GLY B 83 11.09 5.19 -7.70
CA GLY B 83 11.32 6.58 -8.05
C GLY B 83 12.32 7.32 -7.28
N VAL B 84 13.39 6.66 -6.85
CA VAL B 84 14.41 7.36 -6.04
C VAL B 84 15.16 8.31 -6.97
N ALA B 85 15.23 9.60 -6.63
CA ALA B 85 15.88 10.52 -7.54
C ALA B 85 16.24 11.81 -6.86
N VAL B 86 17.42 12.35 -7.22
CA VAL B 86 17.88 13.62 -6.65
C VAL B 86 18.15 14.50 -7.89
N ARG B 87 17.66 15.72 -7.85
CA ARG B 87 17.76 16.60 -9.02
C ARG B 87 19.26 16.72 -9.36
N ALA B 88 19.60 16.68 -10.64
CA ALA B 88 21.00 16.67 -11.08
C ALA B 88 21.95 17.68 -10.50
N ASP B 89 21.50 18.91 -10.33
CA ASP B 89 22.38 19.96 -9.82
C ASP B 89 22.59 19.84 -8.30
N TRP B 90 21.84 18.93 -7.66
CA TRP B 90 21.98 18.72 -6.22
C TRP B 90 22.60 17.34 -5.86
N ARG B 91 23.14 16.64 -6.82
CA ARG B 91 23.74 15.35 -6.59
C ARG B 91 25.10 15.54 -5.92
N GLY B 92 25.58 14.47 -5.27
CA GLY B 92 26.88 14.51 -4.61
C GLY B 92 26.83 15.24 -3.29
N GLN B 93 25.66 15.32 -2.68
CA GLN B 93 25.52 16.04 -1.43
C GLN B 93 24.85 15.14 -0.38
N ARG B 94 24.81 13.85 -0.69
CA ARG B 94 24.23 12.82 0.14
C ARG B 94 22.74 13.03 0.46
N LEU B 95 22.04 13.74 -0.43
CA LEU B 95 20.60 13.92 -0.21
C LEU B 95 19.94 12.54 -0.26
N VAL B 96 20.43 11.63 -1.08
CA VAL B 96 19.80 10.30 -1.09
C VAL B 96 19.81 9.61 0.28
N SER B 97 20.82 9.88 1.11
CA SER B 97 20.89 9.27 2.42
C SER B 97 19.72 9.80 3.27
N ALA B 98 19.37 11.08 3.11
CA ALA B 98 18.25 11.62 3.86
C ALA B 98 16.94 11.02 3.35
N LEU B 99 16.81 10.79 2.02
CA LEU B 99 15.58 10.17 1.55
C LEU B 99 15.49 8.77 2.15
N LEU B 100 16.60 8.02 2.12
CA LEU B 100 16.57 6.62 2.60
C LEU B 100 16.33 6.56 4.13
N ASP B 101 16.84 7.53 4.89
CA ASP B 101 16.53 7.55 6.30
C ASP B 101 15.02 7.54 6.46
N ALA B 102 14.28 8.31 5.65
CA ALA B 102 12.83 8.37 5.81
C ALA B 102 12.11 7.07 5.35
N VAL B 103 12.47 6.57 4.17
CA VAL B 103 11.88 5.37 3.66
C VAL B 103 12.16 4.16 4.60
N GLU B 104 13.36 4.10 5.18
CA GLU B 104 13.72 3.01 6.08
C GLU B 104 12.95 3.14 7.39
N GLN B 105 12.70 4.36 7.85
CA GLN B 105 11.87 4.54 9.04
C GLN B 105 10.47 3.97 8.76
N VAL B 106 9.92 4.23 7.56
CA VAL B 106 8.60 3.71 7.22
C VAL B 106 8.64 2.16 7.27
N MET B 107 9.66 1.55 6.67
CA MET B 107 9.81 0.07 6.77
C MET B 107 9.82 -0.48 8.16
N ARG B 108 10.65 0.10 9.04
CA ARG B 108 10.72 -0.45 10.41
C ARG B 108 9.39 -0.33 11.10
N GLY B 109 8.62 0.71 10.81
CA GLY B 109 7.37 0.86 11.49
C GLY B 109 6.20 0.13 10.86
N ALA B 110 6.26 -0.31 9.58
CA ALA B 110 5.05 -0.88 8.99
C ALA B 110 5.13 -2.19 8.21
N TYR B 111 6.36 -2.61 7.90
CA TYR B 111 6.57 -3.75 7.02
C TYR B 111 7.50 -4.80 7.57
N GLN B 112 7.47 -5.98 6.93
CA GLN B 112 8.34 -7.06 7.33
C GLN B 112 9.67 -7.00 6.68
N LEU B 113 9.74 -6.35 5.53
CA LEU B 113 10.99 -6.13 4.84
C LEU B 113 10.84 -5.04 3.78
N GLY B 114 11.94 -4.33 3.52
CA GLY B 114 11.87 -3.44 2.37
C GLY B 114 12.47 -4.16 1.17
N ALA B 115 12.16 -3.70 -0.06
CA ALA B 115 12.76 -4.30 -1.22
C ALA B 115 12.79 -3.29 -2.33
N LEU B 116 13.64 -3.51 -3.35
CA LEU B 116 13.73 -2.56 -4.44
C LEU B 116 14.59 -3.21 -5.53
N SER B 117 14.61 -2.56 -6.69
CA SER B 117 15.37 -3.11 -7.81
C SER B 117 16.30 -1.99 -8.15
N SER B 118 17.58 -2.27 -8.00
CA SER B 118 18.58 -1.22 -8.19
C SER B 118 19.37 -1.20 -9.50
N SER B 119 19.76 0.00 -9.94
CA SER B 119 20.67 0.12 -11.11
C SER B 119 22.02 -0.45 -10.68
N ALA B 120 22.88 -0.79 -11.63
CA ALA B 120 24.21 -1.34 -11.28
C ALA B 120 24.96 -0.29 -10.42
N ARG B 121 24.73 0.98 -10.74
CA ARG B 121 25.34 2.13 -10.06
C ARG B 121 25.10 2.15 -8.57
N ALA B 122 23.81 2.36 -8.24
CA ALA B 122 23.31 2.51 -6.89
C ALA B 122 23.47 1.34 -5.95
N ARG B 123 23.98 0.22 -6.44
CA ARG B 123 24.10 -0.93 -5.59
C ARG B 123 24.98 -0.64 -4.35
N ARG B 124 26.11 0.05 -4.52
CA ARG B 124 27.00 0.34 -3.38
C ARG B 124 26.24 1.12 -2.29
N LEU B 125 25.46 2.09 -2.72
CA LEU B 125 24.67 2.88 -1.80
C LEU B 125 23.76 1.98 -0.96
N TYR B 126 22.97 1.13 -1.61
CA TYR B 126 22.05 0.31 -0.82
C TYR B 126 22.82 -0.66 0.10
N ALA B 127 23.83 -1.31 -0.47
CA ALA B 127 24.58 -2.24 0.37
C ALA B 127 25.22 -1.49 1.59
N SER B 128 25.66 -0.25 1.43
CA SER B 128 26.34 0.43 2.53
C SER B 128 25.40 0.68 3.66
N ARG B 129 24.08 0.68 3.38
CA ARG B 129 23.08 0.93 4.41
C ARG B 129 22.48 -0.36 5.01
N GLY B 130 23.00 -1.55 4.65
CA GLY B 130 22.43 -2.77 5.24
C GLY B 130 21.43 -3.49 4.33
N TRP B 131 21.27 -3.02 3.11
CA TRP B 131 20.40 -3.75 2.15
C TRP B 131 21.22 -4.96 1.62
N LEU B 132 20.53 -6.04 1.34
CA LEU B 132 21.15 -7.32 0.91
C LEU B 132 20.81 -7.64 -0.54
N PRO B 133 21.82 -7.93 -1.35
CA PRO B 133 21.51 -8.23 -2.77
C PRO B 133 20.90 -9.63 -2.86
N TRP B 134 19.79 -9.78 -3.58
CA TRP B 134 19.19 -11.12 -3.66
C TRP B 134 20.03 -11.97 -4.63
N HIS B 135 20.35 -13.20 -4.22
CA HIS B 135 21.16 -14.12 -5.08
C HIS B 135 20.34 -15.25 -5.70
N GLY B 136 19.22 -15.57 -5.08
CA GLY B 136 18.33 -16.61 -5.58
C GLY B 136 17.60 -16.15 -6.84
N PRO B 137 16.89 -17.07 -7.52
CA PRO B 137 16.16 -16.71 -8.73
C PRO B 137 14.91 -15.83 -8.39
N THR B 138 14.69 -14.77 -9.16
CA THR B 138 13.49 -13.92 -8.94
C THR B 138 12.38 -14.40 -9.85
N SER B 139 11.14 -14.19 -9.39
CA SER B 139 10.00 -14.59 -10.18
C SER B 139 8.87 -13.60 -9.92
N VAL B 140 7.80 -13.70 -10.71
CA VAL B 140 6.59 -12.89 -10.46
C VAL B 140 5.38 -13.86 -10.50
N LEU B 141 4.37 -13.60 -9.67
CA LEU B 141 3.20 -14.47 -9.67
C LEU B 141 2.24 -13.79 -10.69
N ALA B 142 2.43 -14.13 -11.96
CA ALA B 142 1.65 -13.56 -13.05
C ALA B 142 0.27 -14.22 -13.04
N PRO B 143 -0.67 -13.67 -13.80
CA PRO B 143 -2.02 -14.24 -13.83
C PRO B 143 -2.05 -15.67 -14.35
N THR B 144 -0.99 -16.10 -15.02
CA THR B 144 -0.93 -17.47 -15.53
C THR B 144 -0.20 -18.37 -14.55
N GLY B 145 0.44 -17.79 -13.54
CA GLY B 145 1.14 -18.56 -12.55
C GLY B 145 2.54 -18.01 -12.43
N PRO B 146 3.35 -18.59 -11.54
CA PRO B 146 4.73 -18.18 -11.30
C PRO B 146 5.51 -18.21 -12.60
N VAL B 147 6.21 -17.13 -12.91
CA VAL B 147 7.06 -17.02 -14.10
C VAL B 147 8.39 -16.41 -13.61
N ARG B 148 9.53 -16.96 -14.04
CA ARG B 148 10.80 -16.36 -13.63
C ARG B 148 10.99 -15.03 -14.31
N THR B 149 11.72 -14.12 -13.65
CA THR B 149 12.04 -12.82 -14.19
C THR B 149 13.56 -12.70 -14.31
N PRO B 150 14.16 -13.43 -15.28
CA PRO B 150 15.61 -13.33 -15.41
C PRO B 150 16.20 -11.95 -15.72
N ASP B 151 15.46 -11.07 -16.40
CA ASP B 151 16.02 -9.74 -16.66
C ASP B 151 16.14 -8.97 -15.37
N ASP B 152 15.47 -9.39 -14.31
CA ASP B 152 15.62 -8.61 -13.05
C ASP B 152 16.59 -9.25 -12.08
N ASP B 153 17.08 -10.45 -12.40
CA ASP B 153 18.05 -11.08 -11.48
C ASP B 153 19.25 -10.20 -11.30
N GLY B 154 19.82 -10.22 -10.11
CA GLY B 154 20.97 -9.36 -9.86
C GLY B 154 20.66 -7.87 -9.60
N THR B 155 19.38 -7.47 -9.54
CA THR B 155 19.04 -6.08 -9.33
C THR B 155 18.26 -5.93 -8.03
N VAL B 156 17.70 -7.02 -7.50
CA VAL B 156 16.85 -6.89 -6.29
C VAL B 156 17.64 -6.84 -5.01
N PHE B 157 17.25 -5.93 -4.11
CA PHE B 157 17.89 -5.78 -2.77
C PHE B 157 16.75 -5.84 -1.78
N VAL B 158 17.03 -6.40 -0.59
CA VAL B 158 16.02 -6.47 0.45
C VAL B 158 16.59 -5.90 1.71
N LEU B 159 15.69 -5.40 2.58
CA LEU B 159 16.06 -4.88 3.87
C LEU B 159 15.20 -5.60 4.89
N PRO B 160 15.75 -6.64 5.52
CA PRO B 160 14.95 -7.40 6.51
C PRO B 160 14.62 -6.54 7.71
N ILE B 161 13.41 -6.65 8.22
CA ILE B 161 13.09 -5.84 9.38
C ILE B 161 12.94 -6.86 10.53
N ASP B 162 11.87 -7.64 10.49
CA ASP B 162 11.69 -8.60 11.52
C ASP B 162 11.78 -10.05 11.08
N ILE B 163 12.69 -10.34 10.16
CA ILE B 163 12.92 -11.68 9.70
C ILE B 163 14.35 -11.94 9.21
N SER B 164 14.88 -13.15 9.41
CA SER B 164 16.21 -13.47 8.89
C SER B 164 15.84 -14.09 7.54
N LEU B 165 16.61 -13.80 6.50
CA LEU B 165 16.29 -14.29 5.17
C LEU B 165 17.41 -15.10 4.52
N ASP B 166 17.05 -16.21 3.84
CA ASP B 166 17.99 -17.00 3.08
C ASP B 166 17.88 -16.29 1.72
N THR B 167 18.89 -15.48 1.38
CA THR B 167 18.85 -14.70 0.19
C THR B 167 19.19 -15.44 -1.10
N SER B 168 19.34 -16.76 -0.98
CA SER B 168 19.58 -17.56 -2.20
C SER B 168 18.37 -18.46 -2.47
N ALA B 169 17.31 -18.28 -1.69
CA ALA B 169 16.02 -18.94 -1.97
C ALA B 169 15.27 -18.16 -3.07
N GLU B 170 14.14 -18.73 -3.53
CA GLU B 170 13.34 -18.01 -4.52
C GLU B 170 12.66 -16.80 -3.91
N LEU B 171 12.37 -15.77 -4.71
CA LEU B 171 11.64 -14.61 -4.19
C LEU B 171 10.70 -14.24 -5.35
N MET B 172 9.42 -14.20 -5.05
CA MET B 172 8.43 -13.97 -6.12
C MET B 172 7.53 -12.76 -5.78
N CYS B 173 7.61 -11.73 -6.61
CA CYS B 173 6.84 -10.50 -6.35
C CYS B 173 5.44 -10.69 -6.93
N ASP B 174 4.57 -9.74 -6.61
CA ASP B 174 3.18 -9.81 -7.11
C ASP B 174 3.11 -9.13 -8.43
N TRP B 175 2.00 -9.33 -9.11
CA TRP B 175 1.87 -8.84 -10.48
C TRP B 175 1.47 -7.37 -10.64
N ARG B 176 2.00 -6.73 -11.68
CA ARG B 176 1.59 -5.35 -12.05
C ARG B 176 2.07 -5.16 -13.48
N ALA B 177 1.63 -4.08 -14.12
CA ALA B 177 2.01 -3.76 -15.52
C ALA B 177 3.45 -3.23 -15.62
N GLY B 178 4.07 -3.29 -16.79
CA GLY B 178 5.42 -2.75 -16.91
C GLY B 178 6.47 -3.60 -16.15
N ASP B 179 7.46 -2.96 -15.56
CA ASP B 179 8.49 -3.69 -14.81
C ASP B 179 7.86 -4.19 -13.52
N VAL B 180 7.90 -5.51 -13.30
CA VAL B 180 7.28 -6.06 -12.07
C VAL B 180 8.16 -5.87 -10.86
N TRP B 181 9.48 -5.74 -11.11
CA TRP B 181 10.46 -5.41 -10.07
C TRP B 181 10.84 -3.93 -10.31
#